data_4H1V
#
_entry.id   4H1V
#
_cell.length_a   53.420
_cell.length_b   151.310
_cell.length_c   43.060
_cell.angle_alpha   90.00
_cell.angle_beta   90.00
_cell.angle_gamma   90.00
#
_symmetry.space_group_name_H-M   'P 21 21 2'
#
loop_
_entity.id
_entity.type
_entity.pdbx_description
1 polymer 'Dynamin-1-like protein'
2 non-polymer 'PHOSPHOAMINOPHOSPHONIC ACID-GUANYLATE ESTER'
3 water water
#
_entity_poly.entity_id   1
_entity_poly.type   'polypeptide(L)'
_entity_poly.pdbx_seq_one_letter_code
;MEALIPVINKLQDVFNTVGADIIQLPQIVVVGTQSSGKSSVLESLVGRDLLPRGTGIVTRRPLILQLVHVSQEDKRKTTG
EENGVEAEEWGKFLHTKNKLYTDFDEIRQEIENETERISGNNKGVSPEPIHLKIFSPNVVNLTLVDLPGMTKVPVGDQPK
DIELQIRELILRFISNPNSIILAVTAANTDMATSEALKISREVDPDGRRTLAVITKLDLMDAGTDAMDVLMGRVIPVKLG
IIGVVNRSQLDINNKKSVTDSIRDEYAFLQKKYPSLANRNGTKYLARTLNRLLMHHIRDCLPELKTRINVLAAQYQSLLN
SYGEPVDGSGSGSGSKEAADMLKALQGASQIIAEIRETHLWLEHHHHHH
;
_entity_poly.pdbx_strand_id   A
#
# COMPACT_ATOMS: atom_id res chain seq x y z
N MET A 1 16.35 -4.59 19.74
CA MET A 1 15.50 -3.56 19.18
C MET A 1 14.27 -4.15 18.52
N GLU A 2 13.10 -3.77 19.02
CA GLU A 2 11.84 -4.27 18.47
C GLU A 2 11.62 -3.76 17.05
N ALA A 3 11.15 -4.66 16.18
CA ALA A 3 10.77 -4.27 14.83
C ALA A 3 9.55 -3.37 14.90
N LEU A 4 9.61 -2.23 14.20
CA LEU A 4 8.57 -1.22 14.32
C LEU A 4 7.46 -1.35 13.28
N ILE A 5 7.77 -2.01 12.16
CA ILE A 5 6.76 -2.29 11.14
C ILE A 5 5.52 -3.05 11.67
N PRO A 6 5.73 -4.11 12.48
CA PRO A 6 4.55 -4.77 13.05
C PRO A 6 3.71 -3.85 13.93
N VAL A 7 4.36 -2.90 14.61
CA VAL A 7 3.66 -1.96 15.47
C VAL A 7 2.72 -1.07 14.66
N ILE A 8 3.24 -0.48 13.59
CA ILE A 8 2.44 0.38 12.72
C ILE A 8 1.34 -0.41 12.01
N ASN A 9 1.63 -1.67 11.68
CA ASN A 9 0.60 -2.56 11.15
C ASN A 9 -0.60 -2.64 12.08
N LYS A 10 -0.32 -2.85 13.36
CA LYS A 10 -1.35 -2.97 14.38
C LYS A 10 -2.10 -1.66 14.59
N LEU A 11 -1.39 -0.54 14.47
CA LEU A 11 -2.01 0.77 14.58
C LEU A 11 -2.96 1.00 13.41
N GLN A 12 -2.53 0.59 12.22
CA GLN A 12 -3.38 0.67 11.03
C GLN A 12 -4.68 -0.10 11.23
N ASP A 13 -4.57 -1.29 11.81
CA ASP A 13 -5.73 -2.11 12.09
C ASP A 13 -6.64 -1.47 13.13
N VAL A 14 -6.02 -0.85 14.13
CA VAL A 14 -6.75 -0.22 15.24
C VAL A 14 -7.61 0.95 14.79
N PHE A 15 -7.09 1.75 13.85
CA PHE A 15 -7.80 2.93 13.38
C PHE A 15 -8.52 2.72 12.05
N ASN A 16 -8.97 1.49 11.83
CA ASN A 16 -9.58 1.12 10.55
C ASN A 16 -10.89 1.83 10.22
N THR A 17 -11.94 1.53 10.99
CA THR A 17 -13.25 2.14 10.73
C THR A 17 -13.42 3.48 11.43
N VAL A 18 -12.54 3.82 12.34
CA VAL A 18 -12.73 4.97 13.20
C VAL A 18 -12.15 6.27 12.69
N GLY A 19 -11.28 6.20 11.72
CA GLY A 19 -10.68 7.39 11.15
C GLY A 19 -9.20 7.50 11.48
N ALA A 20 -8.37 7.11 10.52
CA ALA A 20 -6.93 7.06 10.73
C ALA A 20 -6.20 8.30 10.20
N ASP A 21 -6.93 9.14 9.47
CA ASP A 21 -6.34 10.30 8.81
C ASP A 21 -5.67 11.27 9.77
N ILE A 22 -6.35 11.55 10.88
CA ILE A 22 -5.85 12.54 11.85
C ILE A 22 -4.65 12.02 12.63
N ILE A 23 -4.41 10.71 12.55
CA ILE A 23 -3.26 10.10 13.21
C ILE A 23 -1.98 10.40 12.45
N GLN A 24 -2.10 10.51 11.13
CA GLN A 24 -0.96 10.76 10.24
C GLN A 24 0.13 9.72 10.39
N LEU A 25 -0.25 8.45 10.24
CA LEU A 25 0.66 7.33 10.42
C LEU A 25 1.78 7.32 9.38
N PRO A 26 2.97 6.86 9.80
CA PRO A 26 4.08 6.66 8.86
C PRO A 26 3.83 5.44 7.99
N GLN A 27 3.63 5.66 6.70
CA GLN A 27 3.31 4.57 5.79
C GLN A 27 3.63 4.94 4.34
N ILE A 28 3.79 3.92 3.51
CA ILE A 28 4.03 4.13 2.09
C ILE A 28 2.70 4.06 1.34
N VAL A 29 2.46 5.07 0.50
CA VAL A 29 1.23 5.14 -0.27
C VAL A 29 1.53 4.99 -1.75
N VAL A 30 0.96 3.97 -2.38
CA VAL A 30 1.26 3.68 -3.78
C VAL A 30 0.32 4.41 -4.73
N VAL A 31 0.88 5.32 -5.50
CA VAL A 31 0.11 6.06 -6.50
C VAL A 31 0.52 5.64 -7.90
N GLY A 32 -0.43 5.13 -8.65
CA GLY A 32 -0.18 4.70 -10.02
C GLY A 32 -1.35 5.01 -10.91
N THR A 33 -1.14 4.94 -12.22
CA THR A 33 -2.21 5.20 -13.15
C THR A 33 -2.66 3.90 -13.79
N GLN A 34 -3.72 3.96 -14.60
CA GLN A 34 -4.12 2.81 -15.41
C GLN A 34 -2.99 2.44 -16.37
N SER A 35 -2.73 1.13 -16.46
CA SER A 35 -1.66 0.59 -17.32
C SER A 35 -0.24 0.95 -16.88
N SER A 36 -0.08 1.39 -15.63
CA SER A 36 1.23 1.72 -15.07
C SER A 36 1.97 0.48 -14.56
N GLY A 37 1.21 -0.53 -14.16
CA GLY A 37 1.78 -1.77 -13.68
C GLY A 37 2.05 -1.78 -12.19
N LYS A 38 1.28 -1.00 -11.44
CA LYS A 38 1.50 -0.92 -9.99
C LYS A 38 0.98 -2.15 -9.26
N SER A 39 -0.07 -2.77 -9.80
CA SER A 39 -0.57 -4.01 -9.23
C SER A 39 0.46 -5.11 -9.42
N SER A 40 1.17 -5.06 -10.55
CA SER A 40 2.23 -6.02 -10.83
C SER A 40 3.44 -5.78 -9.92
N VAL A 41 3.69 -4.52 -9.58
CA VAL A 41 4.75 -4.17 -8.65
C VAL A 41 4.48 -4.83 -7.30
N LEU A 42 3.24 -4.69 -6.83
CA LEU A 42 2.82 -5.31 -5.58
C LEU A 42 2.98 -6.82 -5.61
N GLU A 43 2.56 -7.44 -6.72
CA GLU A 43 2.67 -8.89 -6.87
C GLU A 43 4.12 -9.34 -6.99
N SER A 44 4.98 -8.49 -7.54
CA SER A 44 6.41 -8.77 -7.60
C SER A 44 6.99 -8.84 -6.20
N LEU A 45 6.51 -7.97 -5.33
CA LEU A 45 6.96 -7.92 -3.93
C LEU A 45 6.40 -9.09 -3.13
N VAL A 46 5.17 -9.50 -3.44
CA VAL A 46 4.56 -10.65 -2.79
C VAL A 46 5.22 -11.95 -3.24
N GLY A 47 5.47 -12.07 -4.54
CA GLY A 47 6.04 -13.27 -5.09
C GLY A 47 4.96 -14.18 -5.64
N ARG A 48 3.72 -13.73 -5.53
CA ARG A 48 2.56 -14.44 -6.05
C ARG A 48 1.65 -13.44 -6.74
N ASP A 49 0.86 -13.91 -7.69
CA ASP A 49 -0.22 -13.10 -8.22
C ASP A 49 -1.39 -13.25 -7.26
N LEU A 50 -1.94 -12.12 -6.83
CA LEU A 50 -3.02 -12.16 -5.88
C LEU A 50 -4.04 -11.07 -6.09
N LEU A 51 -3.70 -10.09 -6.89
CA LEU A 51 -4.56 -8.94 -7.12
C LEU A 51 -5.58 -9.23 -8.22
N PRO A 52 -6.81 -8.76 -8.05
CA PRO A 52 -7.86 -9.04 -9.03
C PRO A 52 -7.48 -8.54 -10.43
N ARG A 53 -7.93 -9.27 -11.42
CA ARG A 53 -7.26 -9.33 -12.68
C ARG A 53 -7.28 -8.03 -13.40
N GLY A 54 -8.46 -7.42 -13.53
CA GLY A 54 -8.96 -7.21 -14.87
C GLY A 54 -10.45 -7.26 -15.12
N THR A 55 -10.82 -7.77 -16.31
CA THR A 55 -11.25 -7.02 -17.51
C THR A 55 -12.66 -6.43 -17.39
N GLY A 56 -12.84 -5.19 -17.84
CA GLY A 56 -12.30 -4.09 -17.07
C GLY A 56 -13.11 -3.84 -15.82
N ILE A 57 -13.76 -2.70 -15.74
CA ILE A 57 -13.44 -1.75 -14.67
C ILE A 57 -13.26 -2.47 -13.34
N VAL A 58 -12.37 -1.94 -12.50
CA VAL A 58 -12.11 -2.53 -11.18
C VAL A 58 -11.30 -1.75 -10.12
N THR A 59 -11.24 -2.34 -8.92
CA THR A 59 -10.39 -1.90 -7.80
C THR A 59 -10.54 -0.49 -7.19
N ARG A 60 -11.77 -0.09 -6.89
CA ARG A 60 -12.04 1.22 -6.31
C ARG A 60 -11.46 1.57 -4.92
N ARG A 61 -11.50 0.63 -3.95
CA ARG A 61 -11.09 0.96 -2.58
C ARG A 61 -9.63 0.67 -2.26
N PRO A 62 -9.06 1.47 -1.36
CA PRO A 62 -7.65 1.24 -1.01
C PRO A 62 -7.39 -0.15 -0.46
N LEU A 63 -6.19 -0.66 -0.67
CA LEU A 63 -5.78 -1.94 -0.12
C LEU A 63 -4.51 -1.77 0.69
N ILE A 64 -4.60 -1.98 2.00
CA ILE A 64 -3.43 -1.94 2.85
C ILE A 64 -2.82 -3.33 2.90
N LEU A 65 -1.75 -3.52 2.12
CA LEU A 65 -1.08 -4.81 2.02
C LEU A 65 0.07 -4.90 3.00
N GLN A 66 -0.05 -5.79 3.97
CA GLN A 66 0.96 -5.95 5.01
C GLN A 66 1.71 -7.27 4.86
N LEU A 67 2.92 -7.20 4.32
CA LEU A 67 3.74 -8.39 4.11
C LEU A 67 4.53 -8.72 5.37
N VAL A 68 4.27 -9.89 5.94
CA VAL A 68 4.92 -10.33 7.17
C VAL A 68 5.84 -11.51 6.90
N HIS A 69 7.13 -11.33 7.15
CA HIS A 69 8.09 -12.41 6.93
C HIS A 69 8.00 -13.46 8.03
N VAL A 70 8.02 -14.73 7.61
CA VAL A 70 8.04 -15.83 8.55
C VAL A 70 9.17 -16.78 8.18
N SER A 71 9.62 -17.58 9.14
CA SER A 71 10.64 -18.59 8.88
C SER A 71 10.03 -19.70 8.02
N GLN A 72 10.88 -20.37 7.24
CA GLN A 72 10.39 -21.46 6.40
C GLN A 72 9.90 -22.64 7.24
N GLU A 73 10.28 -22.66 8.51
CA GLU A 73 9.83 -23.68 9.44
C GLU A 73 8.49 -23.31 10.05
N ASP A 74 8.08 -22.07 9.83
CA ASP A 74 6.84 -21.56 10.39
C ASP A 74 5.69 -21.70 9.40
N LYS A 75 4.84 -22.69 9.62
CA LYS A 75 3.82 -23.05 8.65
C LYS A 75 2.44 -23.22 9.30
N ARG A 76 1.41 -23.40 8.48
CA ARG A 76 0.04 -23.50 8.97
C ARG A 76 -0.68 -24.75 8.48
N LYS A 77 -1.40 -25.41 9.38
CA LYS A 77 -2.32 -26.46 8.98
C LYS A 77 -3.43 -25.79 8.17
N THR A 78 -3.64 -26.27 6.96
CA THR A 78 -4.47 -25.56 5.98
C THR A 78 -5.95 -25.89 6.00
N THR A 79 -6.79 -24.86 5.99
CA THR A 79 -8.25 -24.98 5.87
C THR A 79 -8.84 -25.94 6.88
N GLY A 80 -9.77 -26.76 6.37
CA GLY A 80 -10.14 -28.03 6.95
C GLY A 80 -9.92 -28.99 5.80
N GLU A 81 -10.82 -28.91 4.82
CA GLU A 81 -10.59 -29.43 3.47
C GLU A 81 -10.27 -30.93 3.37
N GLU A 82 -10.23 -31.60 4.53
CA GLU A 82 -9.96 -33.04 4.61
C GLU A 82 -8.52 -33.42 4.27
N ASN A 83 -7.58 -32.53 4.51
CA ASN A 83 -6.17 -32.82 4.21
C ASN A 83 -5.21 -32.70 5.40
N GLY A 84 -4.44 -31.63 5.42
CA GLY A 84 -3.47 -31.40 6.49
C GLY A 84 -2.02 -31.21 6.05
N VAL A 85 -1.83 -31.05 4.74
CA VAL A 85 -0.53 -30.67 4.21
C VAL A 85 -0.18 -29.33 4.79
N GLU A 86 0.96 -29.18 5.40
CA GLU A 86 1.23 -27.90 6.01
C GLU A 86 1.57 -26.84 4.98
N ALA A 87 0.92 -25.70 5.11
CA ALA A 87 1.03 -24.60 4.15
C ALA A 87 2.14 -23.62 4.51
N GLU A 88 2.86 -23.16 3.50
CA GLU A 88 4.03 -22.30 3.69
C GLU A 88 3.69 -20.82 3.66
N GLU A 89 2.58 -20.48 3.01
CA GLU A 89 2.15 -19.09 2.91
C GLU A 89 0.65 -18.97 3.17
N TRP A 90 0.26 -17.94 3.92
CA TRP A 90 -1.15 -17.71 4.22
C TRP A 90 -1.50 -16.23 4.31
N GLY A 91 -2.80 -15.94 4.39
CA GLY A 91 -3.27 -14.58 4.45
C GLY A 91 -4.43 -14.41 5.41
N LYS A 92 -4.60 -13.20 5.92
CA LYS A 92 -5.70 -12.88 6.82
C LYS A 92 -6.27 -11.51 6.52
N PHE A 93 -7.60 -11.42 6.49
CA PHE A 93 -8.28 -10.14 6.31
C PHE A 93 -8.81 -9.65 7.65
N LEU A 94 -8.69 -8.35 7.89
CA LEU A 94 -9.19 -7.77 9.15
C LEU A 94 -10.70 -7.85 9.22
N HIS A 95 -11.36 -7.82 8.06
CA HIS A 95 -12.80 -7.90 7.99
C HIS A 95 -13.32 -9.28 8.35
N THR A 96 -12.50 -10.30 8.10
CA THR A 96 -12.87 -11.67 8.42
C THR A 96 -12.11 -12.16 9.66
N LYS A 97 -11.46 -11.23 10.33
CA LYS A 97 -10.77 -11.49 11.61
C LYS A 97 -9.70 -12.58 11.54
N ASN A 98 -9.90 -13.65 12.29
CA ASN A 98 -8.87 -14.69 12.45
C ASN A 98 -8.97 -15.86 11.46
N LYS A 99 -9.85 -15.75 10.48
CA LYS A 99 -9.94 -16.74 9.42
C LYS A 99 -8.63 -16.84 8.65
N LEU A 100 -8.25 -18.05 8.25
CA LEU A 100 -7.00 -18.27 7.53
C LEU A 100 -7.23 -18.60 6.06
N TYR A 101 -6.44 -17.96 5.20
CA TYR A 101 -6.50 -18.22 3.76
C TYR A 101 -5.17 -18.81 3.30
N THR A 102 -5.19 -20.10 2.97
CA THR A 102 -3.99 -20.78 2.50
C THR A 102 -3.97 -20.90 0.98
N ASP A 103 -5.07 -20.49 0.35
CA ASP A 103 -5.20 -20.52 -1.10
C ASP A 103 -5.27 -19.11 -1.58
N PHE A 104 -4.35 -18.72 -2.41
CA PHE A 104 -4.26 -17.33 -2.87
C PHE A 104 -5.34 -16.97 -3.89
N ASP A 105 -6.07 -17.98 -4.32
CA ASP A 105 -7.15 -17.77 -5.22
C ASP A 105 -8.39 -17.38 -4.42
N GLU A 106 -8.46 -17.85 -3.20
CA GLU A 106 -9.50 -17.46 -2.25
C GLU A 106 -9.16 -16.09 -1.69
N ILE A 107 -7.86 -15.78 -1.63
CA ILE A 107 -7.40 -14.45 -1.23
C ILE A 107 -7.81 -13.44 -2.29
N ARG A 108 -7.56 -13.77 -3.55
CA ARG A 108 -7.93 -12.90 -4.67
C ARG A 108 -9.45 -12.74 -4.74
N GLN A 109 -10.16 -13.79 -4.38
CA GLN A 109 -11.62 -13.77 -4.44
C GLN A 109 -12.23 -12.94 -3.32
N GLU A 110 -11.61 -13.01 -2.14
CA GLU A 110 -12.08 -12.22 -1.00
C GLU A 110 -11.84 -10.73 -1.23
N ILE A 111 -10.77 -10.39 -1.93
CA ILE A 111 -10.51 -9.01 -2.30
C ILE A 111 -11.61 -8.51 -3.22
N GLU A 112 -11.94 -9.31 -4.23
CA GLU A 112 -13.07 -9.02 -5.11
C GLU A 112 -14.37 -8.92 -4.31
N ASN A 113 -14.53 -9.82 -3.34
CA ASN A 113 -15.72 -9.84 -2.50
C ASN A 113 -15.83 -8.61 -1.60
N GLU A 114 -14.69 -8.06 -1.20
CA GLU A 114 -14.66 -6.89 -0.34
C GLU A 114 -14.61 -5.59 -1.15
N THR A 115 -14.28 -5.71 -2.43
CA THR A 115 -14.35 -4.57 -3.35
C THR A 115 -15.63 -4.62 -4.16
N GLU A 116 -15.81 -3.61 -5.01
CA GLU A 116 -16.87 -3.60 -6.03
C GLU A 116 -18.30 -3.60 -5.53
N ARG A 117 -18.49 -3.73 -4.22
CA ARG A 117 -19.79 -3.51 -3.61
C ARG A 117 -20.10 -2.03 -3.77
N ILE A 118 -21.38 -1.69 -3.78
CA ILE A 118 -21.81 -0.31 -3.53
C ILE A 118 -21.43 0.16 -2.13
N SER A 119 -21.60 -0.73 -1.15
CA SER A 119 -21.14 -0.47 0.21
C SER A 119 -22.15 0.40 0.98
N GLY A 120 -23.29 0.66 0.37
CA GLY A 120 -24.44 1.17 1.09
C GLY A 120 -24.38 2.67 1.32
N ASN A 121 -23.36 3.30 0.72
CA ASN A 121 -23.32 4.74 0.59
C ASN A 121 -23.39 5.06 -0.89
N ASN A 122 -23.70 6.31 -1.23
CA ASN A 122 -23.82 6.69 -2.62
C ASN A 122 -22.52 7.24 -3.18
N LYS A 123 -21.65 6.34 -3.60
CA LYS A 123 -20.46 6.71 -4.33
C LYS A 123 -20.04 5.61 -5.29
N GLY A 124 -18.98 5.86 -6.02
CA GLY A 124 -18.35 4.85 -6.86
C GLY A 124 -17.00 4.51 -6.27
N VAL A 125 -16.55 5.33 -5.33
CA VAL A 125 -15.26 5.16 -4.67
C VAL A 125 -15.43 5.20 -3.15
N SER A 126 -14.89 4.21 -2.46
CA SER A 126 -14.90 4.18 -1.00
C SER A 126 -13.51 4.43 -0.44
N PRO A 127 -13.41 5.29 0.59
CA PRO A 127 -12.12 5.62 1.20
C PRO A 127 -11.65 4.54 2.18
N GLU A 128 -12.53 3.63 2.52
CA GLU A 128 -12.24 2.62 3.50
C GLU A 128 -11.36 1.49 2.99
N PRO A 129 -10.15 1.40 3.51
CA PRO A 129 -9.17 0.44 2.99
C PRO A 129 -9.49 -1.00 3.37
N ILE A 130 -9.03 -1.93 2.55
CA ILE A 130 -9.05 -3.35 2.89
C ILE A 130 -7.72 -3.68 3.56
N HIS A 131 -7.77 -4.39 4.68
CA HIS A 131 -6.56 -4.77 5.39
C HIS A 131 -6.22 -6.24 5.18
N LEU A 132 -5.11 -6.50 4.50
CA LEU A 132 -4.70 -7.85 4.20
C LEU A 132 -3.26 -8.11 4.64
N LYS A 133 -3.07 -9.09 5.51
CA LYS A 133 -1.75 -9.52 5.91
C LYS A 133 -1.33 -10.74 5.10
N ILE A 134 -0.11 -10.72 4.58
CA ILE A 134 0.43 -11.88 3.88
C ILE A 134 1.63 -12.41 4.63
N PHE A 135 1.52 -13.63 5.16
CA PHE A 135 2.61 -14.28 5.87
C PHE A 135 3.35 -15.22 4.92
N SER A 136 4.64 -14.98 4.74
CA SER A 136 5.43 -15.75 3.78
C SER A 136 6.93 -15.65 4.05
N PRO A 137 7.65 -16.75 3.81
CA PRO A 137 9.11 -16.75 3.94
C PRO A 137 9.77 -16.15 2.70
N ASN A 138 8.97 -15.79 1.71
CA ASN A 138 9.48 -15.26 0.46
C ASN A 138 9.37 -13.74 0.36
N VAL A 139 8.73 -13.12 1.35
CA VAL A 139 8.55 -11.68 1.36
C VAL A 139 9.42 -11.01 2.41
N VAL A 140 9.71 -9.73 2.19
CA VAL A 140 10.37 -8.92 3.20
C VAL A 140 9.30 -8.26 4.04
N ASN A 141 9.66 -7.81 5.24
CA ASN A 141 8.74 -7.05 6.07
C ASN A 141 8.48 -5.70 5.41
N LEU A 142 7.25 -5.49 4.96
CA LEU A 142 6.90 -4.30 4.20
C LEU A 142 5.38 -4.12 4.13
N THR A 143 4.93 -2.89 4.34
CA THR A 143 3.51 -2.55 4.24
C THR A 143 3.31 -1.47 3.20
N LEU A 144 2.30 -1.64 2.35
CA LEU A 144 2.00 -0.67 1.30
C LEU A 144 0.51 -0.35 1.25
N VAL A 145 0.19 0.93 1.14
CA VAL A 145 -1.19 1.36 0.99
C VAL A 145 -1.51 1.57 -0.49
N ASP A 146 -2.01 0.51 -1.13
CA ASP A 146 -2.33 0.55 -2.55
C ASP A 146 -3.62 1.33 -2.80
N LEU A 147 -3.53 2.40 -3.57
CA LEU A 147 -4.68 3.24 -3.89
C LEU A 147 -5.22 2.90 -5.27
N PRO A 148 -6.53 3.15 -5.50
CA PRO A 148 -7.13 2.93 -6.82
C PRO A 148 -6.43 3.75 -7.90
N GLY A 149 -6.18 3.13 -9.05
CA GLY A 149 -5.43 3.77 -10.11
C GLY A 149 -6.19 4.86 -10.85
N MET A 150 -5.45 5.87 -11.30
CA MET A 150 -6.02 6.95 -12.11
C MET A 150 -6.02 6.57 -13.57
N THR A 151 -6.74 7.34 -14.37
CA THR A 151 -6.66 7.21 -15.82
C THR A 151 -5.34 7.81 -16.27
N LYS A 152 -4.74 7.27 -17.33
CA LYS A 152 -3.41 7.71 -17.76
C LYS A 152 -3.44 9.04 -18.49
N VAL A 153 -4.64 9.54 -18.75
CA VAL A 153 -4.83 10.83 -19.39
C VAL A 153 -5.40 11.76 -18.32
N PRO A 154 -5.19 13.09 -18.46
CA PRO A 154 -5.79 14.03 -17.51
C PRO A 154 -7.30 13.84 -17.37
N VAL A 155 -7.81 14.07 -16.17
CA VAL A 155 -9.22 13.81 -15.84
C VAL A 155 -10.20 14.43 -16.83
N GLY A 156 -9.87 15.61 -17.36
CA GLY A 156 -10.71 16.28 -18.33
C GLY A 156 -10.70 15.64 -19.70
N ASP A 157 -9.69 14.82 -19.97
CA ASP A 157 -9.55 14.17 -21.26
C ASP A 157 -10.19 12.78 -21.32
N GLN A 158 -11.07 12.51 -20.36
CA GLN A 158 -11.81 11.25 -20.32
C GLN A 158 -13.25 11.54 -19.86
N PRO A 159 -14.20 10.64 -20.19
CA PRO A 159 -15.61 11.03 -20.02
C PRO A 159 -16.24 10.79 -18.64
N LYS A 160 -15.53 10.16 -17.74
CA LYS A 160 -16.09 9.80 -16.45
C LYS A 160 -15.79 10.77 -15.30
N ASP A 161 -16.88 11.32 -14.83
CA ASP A 161 -16.96 12.27 -13.76
C ASP A 161 -16.39 11.74 -12.46
N ILE A 162 -16.44 10.43 -12.31
CA ILE A 162 -16.00 9.73 -11.14
C ILE A 162 -14.51 9.80 -10.93
N GLU A 163 -13.78 10.13 -11.96
CA GLU A 163 -12.32 10.25 -11.89
C GLU A 163 -11.92 11.35 -10.90
N LEU A 164 -12.76 12.38 -10.78
CA LEU A 164 -12.52 13.45 -9.82
C LEU A 164 -12.41 12.91 -8.40
N GLN A 165 -13.38 12.09 -8.00
CA GLN A 165 -13.41 11.56 -6.64
C GLN A 165 -12.30 10.54 -6.41
N ILE A 166 -11.76 10.01 -7.51
CA ILE A 166 -10.59 9.16 -7.43
C ILE A 166 -9.36 10.00 -7.12
N ARG A 167 -9.28 11.18 -7.74
CA ARG A 167 -8.20 12.12 -7.47
C ARG A 167 -8.30 12.66 -6.05
N GLU A 168 -9.53 12.91 -5.61
CA GLU A 168 -9.77 13.37 -4.24
C GLU A 168 -9.29 12.35 -3.22
N LEU A 169 -9.59 11.08 -3.49
CA LEU A 169 -9.21 9.99 -2.59
C LEU A 169 -7.70 9.89 -2.45
N ILE A 170 -6.99 9.95 -3.57
CA ILE A 170 -5.54 9.88 -3.58
C ILE A 170 -4.93 11.07 -2.85
N LEU A 171 -5.43 12.26 -3.16
CA LEU A 171 -4.98 13.48 -2.50
C LEU A 171 -5.17 13.40 -0.99
N ARG A 172 -6.31 12.84 -0.58
CA ARG A 172 -6.61 12.68 0.85
C ARG A 172 -5.55 11.84 1.55
N PHE A 173 -5.10 10.78 0.88
CA PHE A 173 -4.12 9.87 1.46
C PHE A 173 -2.70 10.41 1.43
N ILE A 174 -2.31 11.03 0.31
CA ILE A 174 -0.93 11.50 0.15
C ILE A 174 -0.69 12.88 0.76
N SER A 175 -1.75 13.51 1.28
CA SER A 175 -1.59 14.78 1.98
C SER A 175 -1.12 14.53 3.40
N ASN A 176 -1.11 13.26 3.79
CA ASN A 176 -0.52 12.83 5.06
C ASN A 176 0.96 13.21 5.06
N PRO A 177 1.34 14.14 5.95
CA PRO A 177 2.72 14.64 6.01
C PRO A 177 3.74 13.53 6.23
N ASN A 178 3.31 12.45 6.88
CA ASN A 178 4.19 11.34 7.19
C ASN A 178 4.04 10.17 6.23
N SER A 179 3.37 10.42 5.10
CA SER A 179 3.23 9.39 4.08
C SER A 179 4.37 9.49 3.08
N ILE A 180 4.90 8.34 2.67
CA ILE A 180 5.87 8.29 1.60
C ILE A 180 5.17 7.89 0.31
N ILE A 181 5.31 8.70 -0.72
CA ILE A 181 4.60 8.48 -1.97
C ILE A 181 5.38 7.60 -2.93
N LEU A 182 4.86 6.41 -3.20
CA LEU A 182 5.45 5.52 -4.19
C LEU A 182 4.73 5.73 -5.52
N ALA A 183 5.33 6.54 -6.38
CA ALA A 183 4.72 6.90 -7.66
C ALA A 183 5.12 5.91 -8.76
N VAL A 184 4.13 5.20 -9.29
CA VAL A 184 4.36 4.20 -10.31
C VAL A 184 4.04 4.73 -11.71
N THR A 185 5.00 4.60 -12.62
CA THR A 185 4.82 5.04 -14.00
C THR A 185 5.59 4.15 -14.96
N ALA A 186 5.02 3.91 -16.14
CA ALA A 186 5.62 3.03 -17.13
C ALA A 186 6.69 3.76 -17.94
N ALA A 187 7.80 3.07 -18.20
CA ALA A 187 8.83 3.59 -19.09
C ALA A 187 8.27 3.76 -20.49
N ASN A 188 7.23 3.02 -20.78
CA ASN A 188 6.52 3.06 -22.03
C ASN A 188 5.87 4.39 -22.41
N THR A 189 5.93 5.37 -21.53
CA THR A 189 5.26 6.64 -21.75
C THR A 189 6.21 7.84 -21.62
N ASP A 190 5.71 9.02 -21.96
CA ASP A 190 6.39 10.26 -21.66
C ASP A 190 6.36 10.42 -20.16
N MET A 191 7.47 10.11 -19.50
CA MET A 191 7.46 9.97 -18.04
C MET A 191 7.32 11.30 -17.31
N ALA A 192 7.68 12.40 -17.98
CA ALA A 192 7.48 13.73 -17.42
C ALA A 192 6.04 14.23 -17.60
N THR A 193 5.14 13.39 -18.04
CA THR A 193 3.71 13.72 -18.00
C THR A 193 2.87 12.76 -17.21
N SER A 194 3.51 11.84 -16.52
CA SER A 194 2.80 10.90 -15.65
C SER A 194 1.83 11.59 -14.71
N GLU A 195 0.59 11.11 -14.69
CA GLU A 195 -0.42 11.65 -13.80
C GLU A 195 -0.07 11.35 -12.34
N ALA A 196 0.68 10.28 -12.14
CA ALA A 196 1.12 9.86 -10.81
C ALA A 196 2.07 10.88 -10.20
N LEU A 197 3.08 11.28 -10.98
CA LEU A 197 4.05 12.27 -10.53
C LEU A 197 3.41 13.64 -10.37
N LYS A 198 2.49 13.98 -11.25
CA LYS A 198 1.84 15.28 -11.22
C LYS A 198 0.95 15.48 -10.00
N ILE A 199 0.18 14.49 -9.68
CA ILE A 199 -0.70 14.60 -8.53
C ILE A 199 0.11 14.56 -7.24
N SER A 200 1.29 13.95 -7.31
CA SER A 200 2.18 13.86 -6.16
C SER A 200 2.83 15.21 -5.86
N ARG A 201 3.09 15.99 -6.89
CA ARG A 201 3.64 17.32 -6.72
C ARG A 201 2.64 18.31 -6.17
N GLU A 202 1.40 17.91 -6.03
CA GLU A 202 0.37 18.80 -5.53
C GLU A 202 0.41 18.88 -4.01
N VAL A 203 0.99 17.87 -3.38
CA VAL A 203 1.16 17.86 -1.93
C VAL A 203 2.65 17.82 -1.60
N ASP A 204 3.46 17.40 -2.58
CA ASP A 204 4.90 17.33 -2.43
C ASP A 204 5.50 17.98 -3.68
N PRO A 205 5.49 19.30 -3.75
CA PRO A 205 5.83 20.06 -4.95
C PRO A 205 7.20 19.78 -5.47
N ASP A 206 8.13 20.01 -4.60
CA ASP A 206 9.43 19.38 -4.74
C ASP A 206 9.24 17.98 -4.20
N GLY A 207 9.77 16.97 -4.90
CA GLY A 207 9.46 15.59 -4.58
C GLY A 207 10.34 14.97 -3.51
N ARG A 208 10.25 15.49 -2.29
CA ARG A 208 11.09 15.03 -1.20
C ARG A 208 10.49 13.85 -0.44
N ARG A 209 9.19 13.62 -0.64
CA ARG A 209 8.50 12.50 0.00
C ARG A 209 8.20 11.39 -1.00
N THR A 210 8.72 11.53 -2.21
CA THR A 210 8.32 10.66 -3.31
C THR A 210 9.44 9.75 -3.80
N LEU A 211 9.09 8.49 -4.06
CA LEU A 211 9.99 7.56 -4.72
C LEU A 211 9.33 7.10 -6.01
N ALA A 212 10.08 7.16 -7.11
CA ALA A 212 9.53 6.81 -8.42
C ALA A 212 9.90 5.39 -8.82
N VAL A 213 8.89 4.60 -9.19
CA VAL A 213 9.11 3.26 -9.71
C VAL A 213 8.81 3.21 -11.20
N ILE A 214 9.82 2.87 -11.99
CA ILE A 214 9.67 2.80 -13.43
C ILE A 214 9.46 1.36 -13.89
N THR A 215 8.27 1.07 -14.40
CA THR A 215 7.96 -0.28 -14.85
C THR A 215 8.02 -0.38 -16.38
N LYS A 216 7.88 -1.61 -16.87
CA LYS A 216 7.79 -1.88 -18.31
C LYS A 216 9.02 -1.43 -19.10
N LEU A 217 10.20 -1.71 -18.55
CA LEU A 217 11.45 -1.39 -19.23
C LEU A 217 11.64 -2.24 -20.48
N ASP A 218 10.98 -3.38 -20.52
CA ASP A 218 11.08 -4.30 -21.65
C ASP A 218 10.15 -3.93 -22.81
N LEU A 219 9.37 -2.87 -22.62
CA LEU A 219 8.33 -2.51 -23.59
C LEU A 219 8.61 -1.21 -24.35
N MET A 220 9.80 -0.65 -24.16
CA MET A 220 10.10 0.66 -24.74
C MET A 220 10.31 0.60 -26.26
N ASP A 221 10.18 1.75 -26.91
CA ASP A 221 10.38 1.86 -28.35
C ASP A 221 11.79 1.45 -28.75
N ALA A 222 11.97 1.14 -30.03
CA ALA A 222 13.27 0.72 -30.55
C ALA A 222 14.33 1.78 -30.38
N GLY A 223 15.39 1.45 -29.64
CA GLY A 223 16.50 2.38 -29.49
C GLY A 223 16.18 3.55 -28.58
N THR A 224 15.30 3.32 -27.61
CA THR A 224 15.36 4.04 -26.35
C THR A 224 15.81 3.11 -25.23
N ASP A 225 16.84 3.54 -24.50
CA ASP A 225 16.93 3.22 -23.08
C ASP A 225 16.72 4.47 -22.24
N ALA A 226 15.84 4.37 -21.24
CA ALA A 226 15.72 5.42 -20.26
C ALA A 226 16.84 5.19 -19.27
N MET A 227 18.05 5.46 -19.75
CA MET A 227 19.17 5.82 -18.89
C MET A 227 18.85 7.11 -18.17
N ASP A 228 18.21 8.05 -18.87
CA ASP A 228 17.77 9.26 -18.18
C ASP A 228 16.79 8.93 -17.06
N VAL A 229 15.89 7.99 -17.32
CA VAL A 229 14.97 7.51 -16.30
C VAL A 229 15.72 6.84 -15.17
N LEU A 230 16.75 6.06 -15.51
CA LEU A 230 17.63 5.47 -14.52
C LEU A 230 18.37 6.54 -13.72
N MET A 231 18.80 7.59 -14.42
CA MET A 231 19.59 8.65 -13.79
C MET A 231 18.79 9.36 -12.71
N GLY A 232 17.51 9.60 -12.99
CA GLY A 232 16.79 10.72 -12.41
C GLY A 232 17.45 12.05 -12.71
N ARG A 233 17.97 12.18 -13.93
CA ARG A 233 18.14 13.49 -14.55
C ARG A 233 16.79 14.18 -14.76
N VAL A 234 15.79 13.40 -15.17
CA VAL A 234 14.54 13.96 -15.69
C VAL A 234 13.42 14.10 -14.66
N ILE A 235 13.25 13.10 -13.80
CA ILE A 235 12.16 13.12 -12.82
C ILE A 235 12.58 13.73 -11.49
N PRO A 236 11.99 14.88 -11.13
CA PRO A 236 12.31 15.61 -9.90
C PRO A 236 11.81 14.88 -8.64
N VAL A 237 12.58 13.89 -8.20
CA VAL A 237 12.18 13.04 -7.09
C VAL A 237 13.39 12.66 -6.22
N LYS A 238 13.21 12.73 -4.92
CA LYS A 238 14.33 12.63 -4.01
C LYS A 238 14.62 11.30 -3.39
N LEU A 239 13.64 10.47 -3.15
CA LEU A 239 13.83 9.19 -2.45
C LEU A 239 14.38 8.07 -3.34
N GLY A 240 14.50 8.33 -4.63
CA GLY A 240 15.10 7.38 -5.55
C GLY A 240 14.27 7.08 -6.79
N ILE A 241 14.94 6.58 -7.82
CA ILE A 241 14.30 6.11 -9.00
C ILE A 241 14.64 4.67 -9.18
N ILE A 242 13.66 3.79 -9.14
CA ILE A 242 13.91 2.36 -9.28
C ILE A 242 13.14 1.76 -10.45
N GLY A 243 13.89 1.23 -11.41
CA GLY A 243 13.30 0.60 -12.58
C GLY A 243 13.17 -0.90 -12.40
N VAL A 244 12.01 -1.44 -12.78
CA VAL A 244 11.76 -2.87 -12.67
C VAL A 244 11.15 -3.42 -13.96
N VAL A 245 11.16 -4.74 -14.08
CA VAL A 245 10.44 -5.42 -15.13
C VAL A 245 9.57 -6.51 -14.50
N ASN A 246 8.28 -6.25 -14.38
CA ASN A 246 7.37 -7.23 -13.82
C ASN A 246 6.99 -8.29 -14.84
N ARG A 247 6.24 -9.29 -14.38
CA ARG A 247 5.72 -10.31 -15.28
C ARG A 247 4.55 -9.72 -16.05
N SER A 248 4.43 -10.10 -17.32
CA SER A 248 3.33 -9.62 -18.14
C SER A 248 2.09 -10.49 -17.92
N GLN A 249 0.97 -10.07 -18.49
CA GLN A 249 -0.26 -10.85 -18.42
C GLN A 249 -0.04 -12.18 -19.15
N LEU A 250 0.76 -12.13 -20.20
CA LEU A 250 1.16 -13.33 -20.94
C LEU A 250 1.85 -14.32 -20.01
N ASP A 251 2.76 -13.80 -19.18
CA ASP A 251 3.51 -14.62 -18.25
C ASP A 251 2.62 -15.28 -17.19
N ILE A 252 1.66 -14.53 -16.68
CA ILE A 252 0.74 -15.06 -15.68
C ILE A 252 -0.15 -16.16 -16.26
N ASN A 253 -0.74 -15.88 -17.42
CA ASN A 253 -1.56 -16.88 -18.11
C ASN A 253 -0.75 -18.11 -18.48
N ASN A 254 0.52 -17.91 -18.79
CA ASN A 254 1.43 -19.01 -19.10
C ASN A 254 1.98 -19.68 -17.85
N LYS A 255 1.65 -19.12 -16.70
CA LYS A 255 2.11 -19.59 -15.42
C LYS A 255 3.62 -19.54 -15.32
N LYS A 256 4.19 -18.43 -15.75
CA LYS A 256 5.63 -18.18 -15.65
C LYS A 256 6.06 -18.31 -14.20
N SER A 257 7.04 -19.16 -13.94
CA SER A 257 7.58 -19.31 -12.59
C SER A 257 8.25 -18.02 -12.13
N VAL A 258 8.05 -17.65 -10.88
CA VAL A 258 8.58 -16.37 -10.40
C VAL A 258 10.08 -16.38 -10.28
N THR A 259 10.61 -17.56 -10.09
CA THR A 259 12.07 -17.72 -10.08
C THR A 259 12.67 -17.50 -11.47
N ASP A 260 11.87 -17.78 -12.49
CA ASP A 260 12.29 -17.56 -13.86
C ASP A 260 12.10 -16.13 -14.28
N SER A 261 11.06 -15.49 -13.81
CA SER A 261 10.80 -14.10 -14.13
C SER A 261 11.75 -13.17 -13.40
N ILE A 262 12.26 -13.62 -12.26
CA ILE A 262 13.21 -12.84 -11.47
C ILE A 262 14.56 -12.74 -12.17
N ARG A 263 15.09 -13.87 -12.61
CA ARG A 263 16.39 -13.89 -13.29
C ARG A 263 16.29 -13.27 -14.68
N ASP A 264 15.12 -13.39 -15.31
CA ASP A 264 14.88 -12.75 -16.61
C ASP A 264 14.95 -11.24 -16.48
N GLU A 265 14.38 -10.71 -15.40
CA GLU A 265 14.47 -9.28 -15.10
C GLU A 265 15.91 -8.88 -14.86
N TYR A 266 16.60 -9.68 -14.04
CA TYR A 266 17.99 -9.44 -13.71
C TYR A 266 18.87 -9.45 -14.96
N ALA A 267 18.68 -10.47 -15.80
CA ALA A 267 19.45 -10.60 -17.03
C ALA A 267 19.19 -9.44 -17.97
N PHE A 268 17.94 -8.99 -18.03
CA PHE A 268 17.58 -7.84 -18.85
C PHE A 268 18.30 -6.59 -18.37
N LEU A 269 18.36 -6.43 -17.04
CA LEU A 269 19.02 -5.28 -16.44
C LEU A 269 20.53 -5.31 -16.66
N GLN A 270 21.11 -6.48 -16.52
CA GLN A 270 22.52 -6.66 -16.77
C GLN A 270 22.88 -6.30 -18.21
N LYS A 271 22.04 -6.67 -19.16
CA LYS A 271 22.30 -6.43 -20.56
C LYS A 271 22.09 -4.98 -20.93
N LYS A 272 20.95 -4.43 -20.58
CA LYS A 272 20.60 -3.09 -21.01
C LYS A 272 21.13 -1.95 -20.15
N TYR A 273 21.32 -2.21 -18.87
CA TYR A 273 21.75 -1.16 -17.97
C TYR A 273 22.81 -1.69 -17.03
N PRO A 274 24.02 -1.83 -17.53
CA PRO A 274 25.04 -2.54 -16.77
C PRO A 274 25.60 -1.70 -15.65
N SER A 275 25.74 -0.40 -15.86
CA SER A 275 26.30 0.49 -14.85
C SER A 275 25.29 0.87 -13.78
N LEU A 276 24.05 0.42 -13.96
CA LEU A 276 22.96 0.79 -13.05
C LEU A 276 22.23 -0.41 -12.47
N ALA A 277 22.48 -1.59 -13.04
CA ALA A 277 21.73 -2.80 -12.71
C ALA A 277 21.63 -3.13 -11.22
N ASN A 278 22.68 -2.80 -10.47
CA ASN A 278 22.73 -3.14 -9.05
C ASN A 278 21.82 -2.30 -8.17
N ARG A 279 21.33 -1.18 -8.71
CA ARG A 279 20.40 -0.33 -7.98
C ARG A 279 19.05 -0.26 -8.67
N ASN A 280 18.66 -1.37 -9.30
CA ASN A 280 17.35 -1.51 -9.93
C ASN A 280 16.89 -2.96 -9.85
N GLY A 281 15.61 -3.20 -10.14
CA GLY A 281 15.06 -4.54 -10.08
C GLY A 281 14.09 -4.73 -8.94
N THR A 282 13.35 -5.83 -8.99
CA THR A 282 12.34 -6.14 -7.99
C THR A 282 12.95 -6.42 -6.62
N LYS A 283 14.03 -7.18 -6.60
CA LYS A 283 14.67 -7.58 -5.34
C LYS A 283 15.29 -6.38 -4.64
N TYR A 284 15.94 -5.51 -5.42
CA TYR A 284 16.51 -4.27 -4.89
C TYR A 284 15.39 -3.42 -4.31
N LEU A 285 14.35 -3.18 -5.10
CA LEU A 285 13.19 -2.40 -4.67
C LEU A 285 12.62 -2.89 -3.35
N ALA A 286 12.52 -4.20 -3.20
CA ALA A 286 12.01 -4.79 -1.97
C ALA A 286 12.90 -4.47 -0.78
N ARG A 287 14.21 -4.43 -1.01
CA ARG A 287 15.15 -4.17 0.07
C ARG A 287 15.21 -2.70 0.50
N THR A 288 15.24 -1.78 -0.45
CA THR A 288 15.29 -0.36 -0.08
C THR A 288 13.96 0.13 0.48
N LEU A 289 12.85 -0.43 0.01
CA LEU A 289 11.54 -0.10 0.55
C LEU A 289 11.42 -0.55 2.00
N ASN A 290 12.04 -1.69 2.30
CA ASN A 290 12.07 -2.21 3.66
C ASN A 290 12.88 -1.32 4.58
N ARG A 291 14.11 -1.00 4.16
CA ARG A 291 14.98 -0.10 4.91
C ARG A 291 14.38 1.29 5.05
N LEU A 292 13.78 1.79 3.98
CA LEU A 292 13.17 3.11 3.97
C LEU A 292 12.04 3.21 4.98
N LEU A 293 11.17 2.20 4.98
CA LEU A 293 10.02 2.19 5.88
C LEU A 293 10.46 2.07 7.33
N MET A 294 11.47 1.23 7.59
CA MET A 294 11.99 1.06 8.94
C MET A 294 12.59 2.36 9.47
N HIS A 295 13.37 3.03 8.64
CA HIS A 295 13.99 4.30 9.02
C HIS A 295 12.96 5.40 9.19
N HIS A 296 11.95 5.40 8.33
CA HIS A 296 10.90 6.42 8.37
C HIS A 296 10.06 6.28 9.63
N ILE A 297 9.74 5.05 10.00
CA ILE A 297 8.91 4.79 11.17
C ILE A 297 9.60 5.22 12.47
N ARG A 298 10.88 4.88 12.62
CA ARG A 298 11.62 5.27 13.80
C ARG A 298 11.83 6.78 13.89
N ASP A 299 11.82 7.43 12.73
CA ASP A 299 11.89 8.89 12.67
C ASP A 299 10.60 9.53 13.19
N CYS A 300 9.47 8.93 12.81
CA CYS A 300 8.16 9.50 13.12
C CYS A 300 7.58 8.99 14.45
N LEU A 301 8.20 7.95 14.99
CA LEU A 301 7.72 7.31 16.22
C LEU A 301 7.55 8.26 17.43
N PRO A 302 8.56 9.10 17.72
CA PRO A 302 8.37 10.00 18.88
C PRO A 302 7.19 10.95 18.72
N GLU A 303 7.05 11.59 17.56
CA GLU A 303 5.94 12.50 17.33
C GLU A 303 4.59 11.76 17.30
N LEU A 304 4.60 10.55 16.75
CA LEU A 304 3.40 9.73 16.70
C LEU A 304 2.85 9.45 18.10
N LYS A 305 3.75 9.20 19.04
CA LYS A 305 3.35 8.88 20.41
C LYS A 305 2.69 10.07 21.11
N THR A 306 3.27 11.25 20.97
CA THR A 306 2.71 12.44 21.61
C THR A 306 1.41 12.86 20.94
N ARG A 307 1.34 12.69 19.62
CA ARG A 307 0.13 13.07 18.88
C ARG A 307 -1.07 12.25 19.33
N ILE A 308 -0.85 10.96 19.56
CA ILE A 308 -1.91 10.07 20.05
C ILE A 308 -2.40 10.55 21.42
N ASN A 309 -1.47 11.00 22.25
CA ASN A 309 -1.81 11.53 23.56
C ASN A 309 -2.50 12.90 23.48
N VAL A 310 -1.99 13.76 22.59
CA VAL A 310 -2.58 15.08 22.38
C VAL A 310 -4.00 14.94 21.81
N LEU A 311 -4.15 14.04 20.85
CA LEU A 311 -5.47 13.76 20.26
C LEU A 311 -6.44 13.24 21.32
N ALA A 312 -5.93 12.40 22.21
CA ALA A 312 -6.75 11.80 23.26
C ALA A 312 -7.33 12.86 24.19
N ALA A 313 -6.47 13.79 24.64
CA ALA A 313 -6.90 14.85 25.55
C ALA A 313 -7.91 15.78 24.89
N GLN A 314 -7.74 16.04 23.59
CA GLN A 314 -8.64 16.90 22.85
C GLN A 314 -10.02 16.27 22.71
N TYR A 315 -10.04 15.01 22.28
CA TYR A 315 -11.29 14.27 22.10
C TYR A 315 -12.07 14.13 23.40
N GLN A 316 -11.34 13.97 24.50
CA GLN A 316 -11.97 13.82 25.82
C GLN A 316 -12.61 15.13 26.29
N SER A 317 -11.89 16.23 26.09
CA SER A 317 -12.40 17.54 26.47
C SER A 317 -13.54 17.95 25.54
N LEU A 318 -13.51 17.41 24.32
CA LEU A 318 -14.56 17.66 23.35
C LEU A 318 -15.82 16.89 23.74
N LEU A 319 -15.62 15.76 24.41
CA LEU A 319 -16.74 14.96 24.92
C LEU A 319 -17.43 15.65 26.09
N ASN A 320 -16.80 16.68 26.63
CA ASN A 320 -17.35 17.45 27.74
C ASN A 320 -17.90 18.79 27.25
N SER A 321 -17.84 18.96 25.95
CA SER A 321 -18.42 20.11 25.29
C SER A 321 -19.72 19.67 24.63
N TYR A 322 -19.71 18.45 24.17
CA TYR A 322 -20.90 17.79 23.73
C TYR A 322 -21.62 17.49 25.01
N GLY A 323 -21.08 16.49 25.71
CA GLY A 323 -21.37 16.12 27.09
C GLY A 323 -22.76 15.91 27.67
N GLU A 324 -23.50 14.97 27.05
CA GLU A 324 -24.78 14.47 27.55
C GLU A 324 -25.39 13.34 26.69
N PRO A 325 -26.58 12.89 27.07
CA PRO A 325 -27.27 13.43 28.25
C PRO A 325 -27.02 12.58 29.49
N VAL A 326 -26.04 11.70 29.40
CA VAL A 326 -25.80 10.69 30.43
C VAL A 326 -26.71 9.51 30.17
N ASP A 327 -27.49 9.60 29.09
CA ASP A 327 -28.38 8.53 28.67
C ASP A 327 -27.61 7.34 28.14
N GLY A 328 -28.13 6.14 28.38
CA GLY A 328 -27.51 4.93 27.90
C GLY A 328 -27.44 4.84 26.38
N SER A 329 -28.52 5.25 25.73
CA SER A 329 -28.59 5.19 24.26
C SER A 329 -29.17 6.47 23.65
N GLY A 330 -28.77 6.74 22.41
CA GLY A 330 -29.26 7.91 21.69
C GLY A 330 -28.54 9.16 22.14
N SER A 331 -27.41 8.95 22.83
CA SER A 331 -26.61 10.04 23.37
C SER A 331 -26.23 11.06 22.30
N GLY A 332 -25.63 10.55 21.23
CA GLY A 332 -25.24 11.37 20.11
C GLY A 332 -24.56 10.51 19.07
N SER A 333 -24.51 11.02 17.84
CA SER A 333 -23.75 10.38 16.79
C SER A 333 -22.36 11.00 16.79
N GLY A 334 -22.30 12.29 17.11
CA GLY A 334 -21.03 12.98 17.26
C GLY A 334 -20.35 12.58 18.55
N SER A 335 -21.13 12.34 19.59
CA SER A 335 -20.61 11.87 20.85
C SER A 335 -20.11 10.43 20.72
N LYS A 336 -20.83 9.63 19.93
CA LYS A 336 -20.45 8.26 19.61
C LYS A 336 -19.14 8.15 18.85
N GLU A 337 -18.93 9.03 17.88
CA GLU A 337 -17.65 9.14 17.21
C GLU A 337 -16.47 9.37 18.15
N ALA A 338 -16.55 10.40 18.98
CA ALA A 338 -15.49 10.77 19.90
C ALA A 338 -15.17 9.65 20.90
N ALA A 339 -16.21 8.93 21.33
CA ALA A 339 -16.03 7.81 22.25
C ALA A 339 -15.35 6.64 21.55
N ASP A 340 -15.77 6.36 20.32
CA ASP A 340 -15.17 5.31 19.52
C ASP A 340 -13.72 5.65 19.19
N MET A 341 -13.46 6.94 18.92
CA MET A 341 -12.12 7.40 18.62
C MET A 341 -11.23 7.28 19.85
N LEU A 342 -11.77 7.68 21.00
CA LEU A 342 -11.03 7.58 22.27
C LEU A 342 -10.66 6.15 22.60
N LYS A 343 -11.55 5.21 22.27
CA LYS A 343 -11.29 3.80 22.52
C LYS A 343 -10.16 3.30 21.64
N ALA A 344 -10.15 3.74 20.39
CA ALA A 344 -9.10 3.37 19.44
C ALA A 344 -7.76 3.96 19.86
N LEU A 345 -7.78 5.21 20.33
CA LEU A 345 -6.57 5.87 20.81
C LEU A 345 -6.01 5.15 22.02
N GLN A 346 -6.90 4.62 22.85
CA GLN A 346 -6.50 3.84 24.02
C GLN A 346 -5.74 2.58 23.58
N GLY A 347 -6.27 1.90 22.58
CA GLY A 347 -5.62 0.72 22.03
C GLY A 347 -4.29 1.07 21.39
N ALA A 348 -4.21 2.26 20.82
CA ALA A 348 -2.99 2.73 20.16
C ALA A 348 -1.86 2.96 21.16
N SER A 349 -2.17 3.68 22.24
CA SER A 349 -1.17 3.96 23.27
C SER A 349 -0.72 2.67 23.98
N GLN A 350 -1.65 1.73 24.12
CA GLN A 350 -1.34 0.43 24.69
C GLN A 350 -0.32 -0.31 23.84
N ILE A 351 -0.55 -0.33 22.53
CA ILE A 351 0.36 -0.95 21.58
C ILE A 351 1.74 -0.29 21.61
N ILE A 352 1.73 1.04 21.72
CA ILE A 352 2.98 1.81 21.77
C ILE A 352 3.73 1.59 23.08
N ALA A 353 3.00 1.46 24.18
CA ALA A 353 3.61 1.24 25.48
C ALA A 353 4.26 -0.13 25.59
N GLU A 354 3.78 -1.07 24.81
CA GLU A 354 4.27 -2.43 24.77
C GLU A 354 5.61 -2.63 24.04
N ILE A 355 6.17 -1.54 23.52
CA ILE A 355 7.54 -1.50 23.06
C ILE A 355 8.43 -1.19 24.27
N ARG A 356 9.61 -1.76 24.34
CA ARG A 356 10.44 -1.33 25.47
C ARG A 356 11.88 -1.16 25.21
N GLU A 357 12.41 -1.79 24.20
CA GLU A 357 13.85 -1.89 24.19
C GLU A 357 14.36 -0.45 24.11
N THR A 358 15.48 -0.19 24.76
CA THR A 358 16.05 1.14 24.86
C THR A 358 15.82 2.04 23.62
#